data_3JR1
#
_entry.id   3JR1
#
_cell.length_a   137.308
_cell.length_b   85.627
_cell.length_c   99.009
_cell.angle_alpha   90.000
_cell.angle_beta   132.920
_cell.angle_gamma   90.000
#
_symmetry.space_group_name_H-M   'C 1 2 1'
#
loop_
_entity.id
_entity.type
_entity.pdbx_description
1 polymer 'Putative fructosamine-3-kinase'
2 non-polymer 'UNKNOWN LIGAND'
3 non-polymer 1,2-ETHANEDIOL
4 water water
#
_entity_poly.entity_id   1
_entity_poly.type   'polypeptide(L)'
_entity_poly.pdbx_seq_one_letter_code
;(MSE)GSDKIHHHHHHENLYFQG(MSE)WKSISQVLAEQFGAYYFIKHKEKLYSGE(MSE)NEIWLINDEVQTVFVKINE
RSYRS(MSE)FRAEADQLALLAKTNSINVPLVYGIGNSQGHSFLLLEALNKSKNKQSSFTIFAEKIAQLHQIQGPDKYGL
DFDTWLGPIYQPNDWQTSWAKFFSENRIGWQLQICKEKGLIFGNIDLIVQIVADTLSKHNPKPSILHGNLWIENCIQVDD
KIFVCNPACYWGDRECDIAFSSLFEPFPTNFYQRYNEIYPLEEGYLERKLIYQLYYLLNFSYRYYNKKQSYVSLTQKLIN
QILHKIDK
;
_entity_poly.pdbx_strand_id   A,B
#
loop_
_chem_comp.id
_chem_comp.type
_chem_comp.name
_chem_comp.formula
EDO non-polymer 1,2-ETHANEDIOL 'C2 H6 O2'
UNL non-polymer 'UNKNOWN LIGAND' ?
#
# COMPACT_ATOMS: atom_id res chain seq x y z
N ASN A 14 14.01 20.13 -3.70
CA ASN A 14 12.83 20.15 -2.79
C ASN A 14 12.89 18.98 -1.79
N LEU A 15 13.82 19.08 -0.84
CA LEU A 15 14.10 18.05 0.19
C LEU A 15 12.85 17.49 0.93
N TYR A 16 12.02 18.39 1.46
CA TYR A 16 10.80 17.99 2.21
C TYR A 16 9.79 17.28 1.31
N PHE A 17 9.79 17.65 0.04
CA PHE A 17 8.89 17.08 -0.94
C PHE A 17 9.25 15.59 -1.15
N GLN A 18 10.55 15.29 -1.18
CA GLN A 18 10.99 13.91 -1.29
C GLN A 18 10.53 13.09 -0.06
N GLY A 19 10.59 13.68 1.13
CA GLY A 19 10.16 12.99 2.35
C GLY A 19 8.68 12.68 2.32
N MSE A 20 7.94 13.61 1.73
CA MSE A 20 6.51 13.47 1.61
C MSE A 20 6.17 12.26 0.74
O MSE A 20 5.30 11.47 1.09
CB MSE A 20 5.90 14.71 0.99
CG MSE A 20 4.39 14.79 1.13
SE MSE A 20 3.63 15.87 -0.28
CE MSE A 20 4.98 17.22 -0.52
N TRP A 21 6.83 12.13 -0.41
CA TRP A 21 6.52 10.98 -1.29
C TRP A 21 6.83 9.66 -0.59
N LYS A 22 7.93 9.64 0.18
CA LYS A 22 8.33 8.43 0.95
C LYS A 22 7.24 8.04 1.96
N SER A 23 6.72 9.02 2.69
CA SER A 23 5.65 8.76 3.66
C SER A 23 4.39 8.24 2.97
N ILE A 24 4.07 8.78 1.79
CA ILE A 24 2.91 8.35 1.00
C ILE A 24 3.11 6.88 0.55
N SER A 25 4.30 6.57 0.04
CA SER A 25 4.59 5.19 -0.35
C SER A 25 4.38 4.23 0.84
N GLN A 26 4.86 4.64 2.01
CA GLN A 26 4.72 3.88 3.23
C GLN A 26 3.28 3.65 3.64
N VAL A 27 2.44 4.70 3.58
CA VAL A 27 1.02 4.52 3.93
C VAL A 27 0.35 3.62 2.91
N LEU A 28 0.70 3.79 1.64
CA LEU A 28 0.12 2.96 0.58
C LEU A 28 0.60 1.50 0.69
N ALA A 29 1.81 1.28 1.18
CA ALA A 29 2.34 -0.07 1.37
C ALA A 29 1.53 -0.82 2.41
N GLU A 30 1.24 -0.16 3.53
CA GLU A 30 0.46 -0.76 4.61
CA GLU A 30 0.45 -0.76 4.61
C GLU A 30 -0.92 -1.14 4.06
N GLN A 31 -1.51 -0.21 3.28
CA GLN A 31 -2.84 -0.40 2.71
C GLN A 31 -2.93 -1.57 1.75
N PHE A 32 -2.07 -1.58 0.74
CA PHE A 32 -2.15 -2.62 -0.28
C PHE A 32 -1.41 -3.91 0.06
N GLY A 33 -0.48 -3.87 1.02
CA GLY A 33 0.26 -5.07 1.39
C GLY A 33 1.65 -5.12 0.81
N ALA A 34 1.81 -4.69 -0.42
CA ALA A 34 3.12 -4.64 -1.05
C ALA A 34 3.52 -3.19 -1.08
N TYR A 35 4.81 -2.91 -1.09
CA TYR A 35 5.30 -1.56 -1.15
C TYR A 35 4.85 -0.91 -2.46
N TYR A 36 4.54 0.38 -2.38
CA TYR A 36 4.06 1.19 -3.50
C TYR A 36 5.19 2.00 -4.13
N PHE A 37 5.77 1.49 -5.21
CA PHE A 37 6.81 2.19 -5.93
C PHE A 37 6.17 3.20 -6.90
N ILE A 38 6.26 4.48 -6.58
CA ILE A 38 5.71 5.56 -7.41
C ILE A 38 6.44 5.62 -8.75
N LYS A 39 5.74 5.44 -9.86
CA LYS A 39 6.38 5.49 -11.19
C LYS A 39 6.04 6.75 -11.99
N HIS A 40 4.84 7.30 -11.82
CA HIS A 40 4.43 8.53 -12.50
CA HIS A 40 4.46 8.56 -12.48
C HIS A 40 3.68 9.43 -11.50
N LYS A 41 3.91 10.74 -11.59
CA LYS A 41 3.23 11.70 -10.73
C LYS A 41 2.89 12.95 -11.55
N GLU A 42 1.63 13.43 -11.39
CA GLU A 42 1.10 14.60 -12.11
C GLU A 42 0.33 15.54 -11.17
N LYS A 43 0.73 16.81 -11.14
CA LYS A 43 0.06 17.84 -10.34
C LYS A 43 -1.11 18.46 -11.11
N LEU A 44 -2.33 18.31 -10.61
CA LEU A 44 -3.52 18.88 -11.23
C LEU A 44 -3.76 20.30 -10.72
N TYR A 45 -4.47 21.10 -11.49
CA TYR A 45 -4.80 22.48 -11.07
C TYR A 45 -5.83 22.49 -9.93
N SER A 46 -5.68 23.48 -9.05
CA SER A 46 -6.62 23.70 -7.93
C SER A 46 -6.66 25.19 -7.56
N GLY A 47 -7.86 25.72 -7.39
CA GLY A 47 -8.03 27.09 -6.89
C GLY A 47 -7.94 27.00 -5.38
N GLU A 48 -8.30 25.82 -4.88
CA GLU A 48 -8.33 25.48 -3.47
C GLU A 48 -6.96 25.59 -2.77
N MSE A 49 -7.01 25.64 -1.43
CA MSE A 49 -5.86 25.68 -0.51
CA MSE A 49 -5.76 25.76 -0.66
C MSE A 49 -4.89 24.50 -0.74
O MSE A 49 -3.68 24.62 -0.59
CB MSE A 49 -6.42 25.59 0.93
CB MSE A 49 -5.99 26.21 0.79
CG MSE A 49 -7.20 24.25 1.23
CG MSE A 49 -6.63 25.21 1.73
SE MSE A 49 -8.34 24.08 2.78
SE MSE A 49 -6.33 25.82 3.55
CE MSE A 49 -7.05 24.09 4.22
CE MSE A 49 -4.39 26.17 3.45
N ASN A 50 -5.47 23.34 -1.02
CA ASN A 50 -4.75 22.08 -1.18
C ASN A 50 -4.17 21.89 -2.56
N GLU A 51 -3.00 21.24 -2.62
CA GLU A 51 -2.38 20.83 -3.89
C GLU A 51 -2.99 19.49 -4.19
N ILE A 52 -3.20 19.23 -5.46
CA ILE A 52 -3.82 17.98 -5.91
C ILE A 52 -2.88 17.30 -6.91
N TRP A 53 -2.67 16.00 -6.69
CA TRP A 53 -1.82 15.18 -7.55
C TRP A 53 -2.46 13.84 -7.88
N LEU A 54 -2.06 13.31 -9.03
CA LEU A 54 -2.41 11.95 -9.44
C LEU A 54 -1.07 11.24 -9.50
N ILE A 55 -1.01 10.03 -8.96
CA ILE A 55 0.22 9.24 -9.00
C ILE A 55 -0.15 7.81 -9.28
N ASN A 56 0.78 7.08 -9.87
CA ASN A 56 0.58 5.65 -10.01
C ASN A 56 1.90 4.85 -10.03
N ASP A 57 1.73 3.54 -9.83
CA ASP A 57 2.80 2.55 -9.78
C ASP A 57 2.75 1.55 -10.97
N GLU A 58 2.08 1.97 -12.06
CA GLU A 58 1.86 1.16 -13.29
C GLU A 58 0.66 0.20 -13.21
N VAL A 59 -0.05 0.20 -12.10
CA VAL A 59 -1.26 -0.61 -11.98
C VAL A 59 -2.37 0.17 -11.26
N GLN A 60 -2.08 0.68 -10.07
CA GLN A 60 -3.05 1.38 -9.22
C GLN A 60 -2.80 2.91 -9.22
N THR A 61 -3.80 3.69 -9.63
CA THR A 61 -3.69 5.15 -9.61
C THR A 61 -4.25 5.65 -8.30
N VAL A 62 -3.62 6.67 -7.74
CA VAL A 62 -4.09 7.26 -6.49
C VAL A 62 -4.22 8.79 -6.62
N PHE A 63 -5.31 9.30 -6.03
CA PHE A 63 -5.64 10.73 -5.97
C PHE A 63 -5.17 11.24 -4.63
N VAL A 64 -4.34 12.27 -4.65
CA VAL A 64 -3.66 12.79 -3.49
C VAL A 64 -3.94 14.26 -3.20
N LYS A 65 -4.49 14.56 -2.02
CA LYS A 65 -4.62 15.96 -1.55
C LYS A 65 -3.48 16.18 -0.56
N ILE A 66 -2.79 17.31 -0.72
CA ILE A 66 -1.63 17.67 0.08
C ILE A 66 -1.75 19.09 0.67
N ASN A 67 -1.18 19.32 1.85
CA ASN A 67 -1.14 20.66 2.46
C ASN A 67 -0.02 20.61 3.50
N GLU A 68 0.13 21.65 4.34
CA GLU A 68 1.16 21.67 5.40
C GLU A 68 0.91 20.57 6.43
N ARG A 69 1.91 20.29 7.27
CA ARG A 69 1.79 19.19 8.24
C ARG A 69 0.63 19.34 9.21
N SER A 70 0.38 20.55 9.67
CA SER A 70 -0.71 20.78 10.63
C SER A 70 -2.13 20.49 10.13
N TYR A 71 -2.31 20.30 8.81
CA TYR A 71 -3.65 19.94 8.25
C TYR A 71 -3.99 18.45 8.35
N ARG A 72 -3.23 17.69 9.12
CA ARG A 72 -3.48 16.25 9.25
C ARG A 72 -4.85 16.01 9.89
N SER A 73 -5.19 16.83 10.87
CA SER A 73 -6.49 16.66 11.51
C SER A 73 -7.66 16.87 10.50
N MSE A 74 -7.56 17.89 9.65
CA MSE A 74 -8.59 18.11 8.62
C MSE A 74 -8.69 16.89 7.70
O MSE A 74 -9.82 16.41 7.41
CB MSE A 74 -8.26 19.35 7.79
CG MSE A 74 -9.26 19.69 6.65
SE MSE A 74 -8.54 21.20 5.65
CE MSE A 74 -7.18 20.26 4.58
N PHE A 75 -7.54 16.39 7.23
CA PHE A 75 -7.52 15.20 6.36
C PHE A 75 -8.09 13.99 7.09
N ARG A 76 -7.80 13.86 8.37
CA ARG A 76 -8.40 12.79 9.14
C ARG A 76 -9.93 12.93 9.11
N ALA A 77 -10.43 14.12 9.43
CA ALA A 77 -11.89 14.37 9.41
C ALA A 77 -12.53 14.03 8.05
N GLU A 78 -11.87 14.42 6.97
CA GLU A 78 -12.38 14.14 5.64
C GLU A 78 -12.49 12.64 5.40
N ALA A 79 -11.49 11.89 5.84
CA ALA A 79 -11.48 10.43 5.68
C ALA A 79 -12.59 9.77 6.50
N ASP A 80 -12.80 10.24 7.73
CA ASP A 80 -13.86 9.69 8.57
C ASP A 80 -15.24 9.96 7.96
N GLN A 81 -15.40 11.10 7.30
CA GLN A 81 -16.68 11.43 6.62
C GLN A 81 -16.92 10.50 5.46
N LEU A 82 -15.92 10.32 4.59
CA LEU A 82 -16.04 9.38 3.45
C LEU A 82 -16.38 7.99 3.95
N ALA A 83 -15.75 7.58 5.05
CA ALA A 83 -16.02 6.27 5.65
C ALA A 83 -17.44 6.13 6.13
N LEU A 84 -17.91 7.08 6.94
CA LEU A 84 -19.28 7.00 7.48
C LEU A 84 -20.32 7.08 6.34
N LEU A 85 -20.05 7.90 5.33
CA LEU A 85 -20.95 8.01 4.16
C LEU A 85 -20.97 6.67 3.40
N ALA A 86 -19.80 6.10 3.12
CA ALA A 86 -19.73 4.79 2.46
C ALA A 86 -20.49 3.74 3.25
N LYS A 87 -20.34 3.71 4.57
CA LYS A 87 -21.08 2.71 5.37
C LYS A 87 -22.63 2.79 5.31
N THR A 88 -23.22 3.91 4.91
CA THR A 88 -24.70 3.98 4.83
C THR A 88 -25.30 3.19 3.66
N ASN A 89 -24.47 2.73 2.72
CA ASN A 89 -24.91 1.96 1.55
CA ASN A 89 -24.90 1.97 1.55
C ASN A 89 -25.98 2.72 0.75
N SER A 90 -25.72 4.02 0.55
CA SER A 90 -26.62 4.91 -0.18
C SER A 90 -25.82 5.60 -1.26
N ILE A 91 -25.25 6.77 -0.99
CA ILE A 91 -24.53 7.47 -2.06
C ILE A 91 -23.19 6.86 -2.36
N ASN A 92 -22.72 7.05 -3.60
CA ASN A 92 -21.43 6.56 -4.04
C ASN A 92 -20.36 7.58 -3.65
N VAL A 93 -19.39 7.16 -2.86
CA VAL A 93 -18.27 8.04 -2.47
C VAL A 93 -16.95 7.36 -2.82
N PRO A 94 -15.88 8.15 -3.03
CA PRO A 94 -14.59 7.54 -3.32
C PRO A 94 -13.99 6.82 -2.09
N LEU A 95 -13.32 5.68 -2.34
CA LEU A 95 -12.66 4.94 -1.26
C LEU A 95 -11.46 5.73 -0.72
N VAL A 96 -11.14 5.50 0.55
CA VAL A 96 -9.99 6.11 1.21
C VAL A 96 -8.88 5.08 1.31
N TYR A 97 -7.67 5.44 0.87
CA TYR A 97 -6.50 4.56 1.00
C TYR A 97 -5.72 4.90 2.29
N GLY A 98 -5.84 6.14 2.76
CA GLY A 98 -5.27 6.52 4.06
C GLY A 98 -4.96 7.98 4.21
N ILE A 99 -4.39 8.31 5.37
CA ILE A 99 -3.89 9.66 5.66
C ILE A 99 -2.49 9.52 6.20
N GLY A 100 -1.80 10.65 6.36
CA GLY A 100 -0.46 10.60 6.90
C GLY A 100 0.17 11.95 6.83
N ASN A 101 1.44 12.01 7.23
CA ASN A 101 2.18 13.23 7.15
C ASN A 101 3.66 12.93 7.03
N SER A 102 4.44 13.97 6.84
CA SER A 102 5.86 13.91 6.70
C SER A 102 6.35 15.10 7.49
N GLN A 103 7.63 15.43 7.39
CA GLN A 103 8.19 16.53 8.14
C GLN A 103 7.37 17.81 7.86
N GLY A 104 7.26 18.17 6.58
CA GLY A 104 6.56 19.41 6.20
C GLY A 104 5.18 19.32 5.55
N HIS A 105 4.57 18.14 5.47
CA HIS A 105 3.27 18.01 4.79
C HIS A 105 2.38 16.97 5.44
N SER A 106 1.08 17.06 5.16
CA SER A 106 0.05 16.10 5.54
C SER A 106 -0.69 15.80 4.26
N PHE A 107 -1.47 14.73 4.21
CA PHE A 107 -2.12 14.36 2.97
C PHE A 107 -3.27 13.39 3.16
N LEU A 108 -4.12 13.29 2.13
CA LEU A 108 -5.23 12.35 2.08
C LEU A 108 -5.06 11.59 0.76
N LEU A 109 -5.31 10.29 0.78
CA LEU A 109 -5.08 9.44 -0.39
C LEU A 109 -6.35 8.73 -0.70
N LEU A 110 -6.87 8.94 -1.90
CA LEU A 110 -8.15 8.39 -2.28
C LEU A 110 -8.10 7.69 -3.61
N GLU A 111 -9.16 6.90 -3.83
CA GLU A 111 -9.43 6.25 -5.10
C GLU A 111 -9.44 7.31 -6.18
N ALA A 112 -8.78 7.03 -7.32
CA ALA A 112 -8.80 7.94 -8.47
C ALA A 112 -9.99 7.52 -9.37
N LEU A 113 -11.06 8.30 -9.36
CA LEU A 113 -12.25 7.99 -10.15
C LEU A 113 -12.10 8.39 -11.61
N ASN A 114 -12.56 7.55 -12.55
CA ASN A 114 -12.52 7.89 -13.98
C ASN A 114 -13.78 8.65 -14.42
N LYS A 115 -13.64 9.95 -14.67
CA LYS A 115 -14.76 10.82 -15.04
C LYS A 115 -15.17 10.58 -16.47
N SER A 116 -16.43 10.18 -16.69
CA SER A 116 -16.99 9.97 -18.05
C SER A 116 -18.08 11.00 -18.37
N LYS A 117 -18.50 11.05 -19.63
CA LYS A 117 -19.52 12.00 -20.09
C LYS A 117 -20.81 11.92 -19.26
N ASN A 118 -21.30 13.08 -18.84
CA ASN A 118 -22.54 13.18 -18.03
C ASN A 118 -23.82 12.55 -18.61
N LYS A 119 -24.62 11.92 -17.73
CA LYS A 119 -25.91 11.29 -18.07
C LYS A 119 -26.95 11.88 -17.13
N GLN A 120 -27.92 12.58 -17.72
CA GLN A 120 -28.97 13.22 -16.96
C GLN A 120 -29.73 12.22 -16.11
N SER A 121 -29.97 11.02 -16.65
CA SER A 121 -30.69 9.98 -15.93
C SER A 121 -29.96 9.50 -14.68
N SER A 122 -28.64 9.66 -14.62
CA SER A 122 -27.90 9.27 -13.42
C SER A 122 -28.39 10.10 -12.21
N PHE A 123 -28.93 11.30 -12.46
CA PHE A 123 -29.48 12.09 -11.38
C PHE A 123 -30.82 11.60 -10.79
N THR A 124 -31.56 10.75 -11.49
CA THR A 124 -32.79 10.20 -10.92
C THR A 124 -32.41 9.23 -9.81
N ILE A 125 -31.43 8.39 -10.10
CA ILE A 125 -30.91 7.41 -9.14
C ILE A 125 -30.24 8.12 -7.95
N PHE A 126 -29.46 9.17 -8.24
CA PHE A 126 -28.78 9.96 -7.22
C PHE A 126 -29.76 10.56 -6.21
N ALA A 127 -30.90 11.04 -6.70
CA ALA A 127 -31.97 11.60 -5.83
C ALA A 127 -32.52 10.50 -4.94
N GLU A 128 -32.60 9.28 -5.44
CA GLU A 128 -33.05 8.14 -4.61
C GLU A 128 -32.02 7.85 -3.51
N LYS A 129 -30.73 8.00 -3.83
CA LYS A 129 -29.70 7.76 -2.82
C LYS A 129 -29.65 8.92 -1.83
N ILE A 130 -29.71 10.16 -2.32
CA ILE A 130 -29.75 11.31 -1.39
C ILE A 130 -30.93 11.20 -0.45
N ALA A 131 -32.09 10.81 -0.98
CA ALA A 131 -33.28 10.59 -0.16
C ALA A 131 -33.00 9.55 0.94
N GLN A 132 -32.54 8.38 0.52
CA GLN A 132 -32.21 7.29 1.43
C GLN A 132 -31.28 7.76 2.55
N LEU A 133 -30.23 8.50 2.18
CA LEU A 133 -29.29 9.10 3.13
C LEU A 133 -30.02 9.99 4.17
N HIS A 134 -30.89 10.88 3.70
CA HIS A 134 -31.62 11.78 4.57
C HIS A 134 -32.68 11.07 5.45
N GLN A 135 -33.15 9.91 4.99
CA GLN A 135 -34.14 9.11 5.73
C GLN A 135 -33.56 8.36 6.93
N ILE A 136 -32.25 8.12 6.94
CA ILE A 136 -31.60 7.41 8.05
C ILE A 136 -31.89 8.12 9.41
N GLN A 137 -32.47 7.37 10.35
CA GLN A 137 -32.74 7.89 11.69
C GLN A 137 -31.51 7.67 12.56
N GLY A 138 -31.04 8.71 13.23
CA GLY A 138 -29.90 8.59 14.14
C GLY A 138 -30.14 9.33 15.44
N PRO A 139 -29.29 10.31 15.76
CA PRO A 139 -29.45 11.05 17.01
C PRO A 139 -30.66 11.99 17.02
N ASP A 140 -31.00 12.50 18.20
CA ASP A 140 -32.09 13.47 18.36
C ASP A 140 -31.54 14.90 18.56
N LYS A 141 -30.28 15.11 18.19
CA LYS A 141 -29.65 16.42 18.29
C LYS A 141 -28.94 16.71 16.99
N TYR A 142 -28.59 17.97 16.81
CA TYR A 142 -27.91 18.43 15.59
C TYR A 142 -26.44 18.58 15.90
N GLY A 143 -25.60 18.24 14.92
CA GLY A 143 -24.14 18.28 15.00
C GLY A 143 -23.47 16.97 14.57
N LEU A 144 -22.30 16.69 15.15
CA LEU A 144 -21.50 15.49 14.85
C LEU A 144 -20.41 15.39 15.94
N ASP A 145 -19.88 14.19 16.16
CA ASP A 145 -18.81 13.94 17.16
C ASP A 145 -17.51 14.67 16.87
N PHE A 146 -17.27 15.06 15.63
CA PHE A 146 -16.08 15.86 15.31
C PHE A 146 -16.43 17.01 14.41
N ASP A 147 -15.53 17.98 14.33
CA ASP A 147 -15.71 19.14 13.50
C ASP A 147 -15.29 18.84 12.07
N THR A 148 -16.17 19.12 11.11
CA THR A 148 -15.93 18.93 9.67
C THR A 148 -15.62 20.26 8.99
N TRP A 149 -15.06 20.18 7.79
CA TRP A 149 -14.61 21.39 7.09
C TRP A 149 -15.38 21.68 5.81
N LEU A 150 -15.52 22.95 5.50
CA LEU A 150 -16.17 23.42 4.26
C LEU A 150 -15.20 24.47 3.75
N GLY A 151 -14.36 24.06 2.81
CA GLY A 151 -13.32 24.93 2.29
C GLY A 151 -12.29 25.04 3.39
N PRO A 152 -11.62 26.20 3.51
CA PRO A 152 -10.61 26.39 4.52
C PRO A 152 -11.13 26.68 5.94
N ILE A 153 -12.43 26.56 6.21
CA ILE A 153 -12.96 26.86 7.54
C ILE A 153 -13.64 25.61 8.14
N TYR A 154 -13.33 25.30 9.39
CA TYR A 154 -14.00 24.16 10.04
C TYR A 154 -15.39 24.61 10.56
N GLN A 155 -16.30 23.65 10.66
CA GLN A 155 -17.68 23.90 11.06
C GLN A 155 -17.87 23.41 12.49
N PRO A 156 -18.24 24.32 13.41
CA PRO A 156 -18.48 23.79 14.77
C PRO A 156 -19.64 22.82 14.78
N ASN A 157 -19.41 21.64 15.34
CA ASN A 157 -20.42 20.60 15.38
C ASN A 157 -20.85 20.16 16.79
N ASP A 158 -20.52 20.93 17.83
CA ASP A 158 -20.98 20.58 19.22
C ASP A 158 -22.48 20.36 19.20
N TRP A 159 -22.93 19.27 19.81
CA TRP A 159 -24.34 18.88 19.75
C TRP A 159 -25.31 19.89 20.40
N GLN A 160 -26.45 20.12 19.76
CA GLN A 160 -27.48 21.10 20.21
C GLN A 160 -28.86 20.51 19.98
N THR A 161 -29.78 20.71 20.93
CA THR A 161 -31.16 20.21 20.73
C THR A 161 -31.99 21.16 19.83
N SER A 162 -31.66 22.45 19.85
CA SER A 162 -32.35 23.46 19.04
C SER A 162 -31.66 23.77 17.69
N TRP A 163 -32.32 23.40 16.59
CA TRP A 163 -31.81 23.70 15.22
C TRP A 163 -31.66 25.21 15.01
N ALA A 164 -32.67 25.94 15.47
CA ALA A 164 -32.68 27.39 15.42
C ALA A 164 -31.35 27.93 15.90
N LYS A 165 -30.94 27.49 17.08
CA LYS A 165 -29.68 27.90 17.67
C LYS A 165 -28.46 27.39 16.91
N PHE A 166 -28.48 26.08 16.59
CA PHE A 166 -27.38 25.46 15.90
C PHE A 166 -27.10 26.17 14.56
N PHE A 167 -28.11 26.35 13.70
CA PHE A 167 -27.83 26.97 12.40
C PHE A 167 -27.50 28.46 12.50
N SER A 168 -28.27 29.15 13.32
CA SER A 168 -28.12 30.56 13.61
C SER A 168 -26.70 30.94 14.03
N GLU A 169 -26.13 30.19 14.97
CA GLU A 169 -24.81 30.51 15.56
C GLU A 169 -23.62 29.71 14.99
N ASN A 170 -23.75 28.39 14.90
CA ASN A 170 -22.66 27.51 14.38
C ASN A 170 -22.47 27.57 12.87
N ARG A 171 -23.45 28.12 12.15
CA ARG A 171 -23.32 28.27 10.69
C ARG A 171 -23.25 29.74 10.30
N ILE A 172 -24.38 30.44 10.39
CA ILE A 172 -24.47 31.85 9.99
C ILE A 172 -23.56 32.76 10.80
N GLY A 173 -23.70 32.74 12.12
CA GLY A 173 -22.88 33.62 12.94
C GLY A 173 -21.40 33.33 12.78
N TRP A 174 -21.05 32.05 12.75
CA TRP A 174 -19.66 31.61 12.61
C TRP A 174 -19.10 32.17 11.31
N GLN A 175 -19.77 31.91 10.19
CA GLN A 175 -19.29 32.45 8.91
C GLN A 175 -19.24 33.97 8.82
N LEU A 176 -20.23 34.65 9.41
CA LEU A 176 -20.24 36.14 9.40
C LEU A 176 -18.99 36.70 10.08
N GLN A 177 -18.62 36.09 11.20
CA GLN A 177 -17.44 36.49 11.95
C GLN A 177 -16.16 36.27 11.15
N ILE A 178 -16.06 35.11 10.50
CA ILE A 178 -14.92 34.83 9.65
C ILE A 178 -14.85 35.88 8.53
N CYS A 179 -15.98 36.17 7.88
CA CYS A 179 -16.00 37.19 6.86
C CYS A 179 -15.57 38.55 7.42
N LYS A 180 -16.06 38.92 8.61
CA LYS A 180 -15.69 40.23 9.18
C LYS A 180 -14.18 40.36 9.29
N GLU A 181 -13.53 39.27 9.74
CA GLU A 181 -12.08 39.27 9.91
C GLU A 181 -11.37 39.58 8.59
N LYS A 182 -11.93 39.14 7.46
CA LYS A 182 -11.36 39.48 6.14
C LYS A 182 -11.80 40.83 5.61
N GLY A 183 -12.76 41.48 6.27
CA GLY A 183 -13.23 42.79 5.84
C GLY A 183 -14.49 42.74 4.98
N LEU A 184 -15.17 41.61 4.99
CA LEU A 184 -16.41 41.44 4.28
C LEU A 184 -17.52 41.70 5.31
N ILE A 185 -18.02 42.94 5.34
CA ILE A 185 -19.06 43.34 6.30
C ILE A 185 -20.39 43.53 5.58
N PHE A 186 -21.40 42.79 6.02
CA PHE A 186 -22.73 42.84 5.40
C PHE A 186 -23.82 43.51 6.23
N GLY A 187 -23.57 43.68 7.53
CA GLY A 187 -24.54 44.26 8.47
C GLY A 187 -24.22 43.84 9.90
N ASN A 188 -25.13 44.15 10.83
CA ASN A 188 -24.96 43.81 12.25
C ASN A 188 -25.17 42.32 12.36
N ILE A 189 -24.17 41.63 12.92
CA ILE A 189 -24.15 40.17 13.03
C ILE A 189 -25.20 39.61 13.96
N ASP A 190 -25.41 40.26 15.09
CA ASP A 190 -26.45 39.84 16.04
C ASP A 190 -27.83 39.91 15.42
N LEU A 191 -28.09 40.99 14.69
CA LEU A 191 -29.36 41.18 14.02
C LEU A 191 -29.56 40.04 13.03
N ILE A 192 -28.57 39.77 12.19
CA ILE A 192 -28.70 38.69 11.20
C ILE A 192 -28.95 37.34 11.89
N VAL A 193 -28.16 37.03 12.92
CA VAL A 193 -28.28 35.79 13.69
C VAL A 193 -29.70 35.62 14.29
N GLN A 194 -30.18 36.66 14.95
CA GLN A 194 -31.54 36.71 15.51
C GLN A 194 -32.64 36.54 14.42
N ILE A 195 -32.50 37.25 13.30
CA ILE A 195 -33.48 37.12 12.20
C ILE A 195 -33.50 35.67 11.68
N VAL A 196 -32.31 35.07 11.50
CA VAL A 196 -32.21 33.67 11.04
C VAL A 196 -32.79 32.75 12.11
N ALA A 197 -32.52 33.05 13.38
CA ALA A 197 -33.07 32.26 14.49
C ALA A 197 -34.60 32.37 14.55
N ASP A 198 -35.15 33.57 14.39
CA ASP A 198 -36.64 33.73 14.33
C ASP A 198 -37.25 32.83 13.23
N THR A 199 -36.68 32.88 12.03
CA THR A 199 -37.22 32.08 10.94
C THR A 199 -37.27 30.57 11.26
N LEU A 200 -36.26 30.07 11.98
CA LEU A 200 -36.17 28.64 12.36
C LEU A 200 -36.80 28.31 13.71
N SER A 201 -37.33 29.35 14.36
CA SER A 201 -37.98 29.29 15.67
C SER A 201 -38.93 28.10 15.94
N LYS A 202 -39.77 27.74 14.98
CA LYS A 202 -40.68 26.59 15.16
C LYS A 202 -40.23 25.39 14.31
N HIS A 203 -39.00 25.43 13.81
CA HIS A 203 -38.52 24.37 12.94
C HIS A 203 -37.40 23.56 13.59
N ASN A 204 -37.77 22.37 14.10
CA ASN A 204 -36.84 21.37 14.67
C ASN A 204 -37.07 20.04 13.96
N PRO A 205 -36.54 19.91 12.75
CA PRO A 205 -36.79 18.70 11.96
C PRO A 205 -35.99 17.50 12.42
N LYS A 206 -36.37 16.31 11.95
CA LYS A 206 -35.63 15.07 12.21
C LYS A 206 -34.19 15.34 11.76
N PRO A 207 -33.22 15.06 12.64
CA PRO A 207 -31.86 15.28 12.16
C PRO A 207 -31.49 14.31 11.04
N SER A 208 -30.93 14.83 9.96
CA SER A 208 -30.52 14.01 8.85
C SER A 208 -29.03 14.13 8.64
N ILE A 209 -28.40 13.03 8.24
CA ILE A 209 -26.98 13.10 7.93
C ILE A 209 -26.86 13.78 6.55
N LEU A 210 -26.18 14.91 6.55
CA LEU A 210 -25.99 15.71 5.35
CA LEU A 210 -26.00 15.69 5.35
C LEU A 210 -24.65 15.44 4.69
N HIS A 211 -24.60 15.50 3.36
CA HIS A 211 -23.34 15.44 2.69
C HIS A 211 -22.66 16.72 3.15
N GLY A 212 -23.41 17.82 3.16
CA GLY A 212 -22.89 19.12 3.60
C GLY A 212 -22.20 20.02 2.56
N ASN A 213 -21.90 19.49 1.38
CA ASN A 213 -21.26 20.29 0.33
C ASN A 213 -21.82 19.83 -1.01
N LEU A 214 -23.14 19.63 -1.04
CA LEU A 214 -23.82 19.07 -2.20
C LEU A 214 -24.12 20.06 -3.31
N TRP A 215 -23.22 20.13 -4.28
CA TRP A 215 -23.46 20.91 -5.47
C TRP A 215 -22.72 20.31 -6.65
N ILE A 216 -23.11 20.74 -7.83
CA ILE A 216 -22.63 20.14 -9.07
C ILE A 216 -21.11 19.95 -9.19
N GLU A 217 -20.31 20.90 -8.71
CA GLU A 217 -18.86 20.74 -8.80
C GLU A 217 -18.29 19.56 -8.00
N ASN A 218 -19.00 19.08 -6.99
CA ASN A 218 -18.57 17.92 -6.23
C ASN A 218 -19.22 16.64 -6.73
N CYS A 219 -19.83 16.65 -7.90
CA CYS A 219 -20.36 15.41 -8.44
C CYS A 219 -19.44 14.97 -9.54
N ILE A 220 -19.34 13.66 -9.75
CA ILE A 220 -18.53 13.09 -10.80
C ILE A 220 -19.26 11.92 -11.38
N GLN A 221 -19.47 11.97 -12.69
CA GLN A 221 -20.10 10.88 -13.41
C GLN A 221 -19.04 9.79 -13.64
N VAL A 222 -19.31 8.59 -13.13
CA VAL A 222 -18.43 7.43 -13.33
C VAL A 222 -19.25 6.28 -13.89
N ASP A 223 -19.09 6.08 -15.20
CA ASP A 223 -19.90 5.11 -15.94
C ASP A 223 -21.40 5.44 -15.75
N ASP A 224 -22.21 4.58 -15.13
CA ASP A 224 -23.65 4.83 -15.01
C ASP A 224 -24.09 5.43 -13.65
N LYS A 225 -23.14 5.90 -12.84
CA LYS A 225 -23.47 6.42 -11.53
C LYS A 225 -22.79 7.74 -11.24
N ILE A 226 -23.42 8.53 -10.37
CA ILE A 226 -22.86 9.78 -9.89
C ILE A 226 -22.14 9.48 -8.57
N PHE A 227 -20.93 10.00 -8.44
CA PHE A 227 -20.16 9.90 -7.20
C PHE A 227 -20.08 11.31 -6.65
N VAL A 228 -20.04 11.45 -5.32
CA VAL A 228 -19.93 12.79 -4.72
C VAL A 228 -18.71 12.84 -3.78
N CYS A 229 -17.96 13.94 -3.84
CA CYS A 229 -16.70 14.17 -3.10
C CYS A 229 -16.76 15.38 -2.16
N ASN A 230 -15.63 15.66 -1.50
CA ASN A 230 -15.42 16.81 -0.61
C ASN A 230 -16.55 17.09 0.41
N PRO A 231 -16.90 16.09 1.22
CA PRO A 231 -17.96 16.25 2.21
C PRO A 231 -17.71 17.30 3.31
N ALA A 232 -18.80 17.78 3.91
CA ALA A 232 -18.76 18.73 5.02
C ALA A 232 -19.87 18.30 5.95
N CYS A 233 -19.90 17.00 6.27
CA CYS A 233 -20.96 16.41 7.04
C CYS A 233 -21.30 16.98 8.41
N TYR A 234 -22.56 16.70 8.79
CA TYR A 234 -23.12 16.94 10.07
C TYR A 234 -24.57 16.52 10.02
N TRP A 235 -25.15 16.35 11.21
CA TRP A 235 -26.54 16.00 11.35
C TRP A 235 -27.30 17.34 11.44
N GLY A 236 -28.12 17.62 10.42
CA GLY A 236 -28.88 18.90 10.35
C GLY A 236 -30.21 18.74 9.60
N ASP A 237 -30.69 19.84 9.02
CA ASP A 237 -31.92 19.85 8.21
C ASP A 237 -31.52 19.41 6.80
N ARG A 238 -32.16 18.33 6.34
CA ARG A 238 -31.94 17.81 4.99
C ARG A 238 -32.03 18.88 3.92
N GLU A 239 -32.85 19.90 4.18
CA GLU A 239 -33.11 21.00 3.25
C GLU A 239 -31.88 21.82 2.91
N CYS A 240 -30.86 21.79 3.77
CA CYS A 240 -29.61 22.50 3.49
C CYS A 240 -28.89 21.94 2.28
N ASP A 241 -28.92 20.60 2.16
CA ASP A 241 -28.33 19.89 1.01
C ASP A 241 -29.12 20.29 -0.26
N ILE A 242 -30.44 20.12 -0.19
CA ILE A 242 -31.28 20.45 -1.34
C ILE A 242 -31.08 21.90 -1.75
N ALA A 243 -31.10 22.81 -0.77
CA ALA A 243 -30.91 24.23 -0.99
C ALA A 243 -29.63 24.56 -1.71
N PHE A 244 -28.53 24.02 -1.23
CA PHE A 244 -27.23 24.32 -1.83
C PHE A 244 -27.14 23.81 -3.27
N SER A 245 -27.73 22.65 -3.54
CA SER A 245 -27.67 22.03 -4.88
C SER A 245 -28.33 22.87 -5.98
N SER A 246 -29.23 23.78 -5.60
CA SER A 246 -29.91 24.65 -6.56
C SER A 246 -29.38 26.09 -6.51
N LEU A 247 -28.39 26.37 -5.67
CA LEU A 247 -27.90 27.75 -5.51
C LEU A 247 -27.28 28.30 -6.77
N PHE A 248 -26.26 27.64 -7.31
CA PHE A 248 -25.61 28.09 -8.55
C PHE A 248 -26.16 27.25 -9.70
N GLU A 249 -25.33 26.65 -10.56
CA GLU A 249 -25.83 25.78 -11.62
C GLU A 249 -26.54 24.64 -10.89
N PRO A 250 -27.86 24.56 -11.01
CA PRO A 250 -28.57 23.52 -10.26
C PRO A 250 -28.47 22.15 -10.88
N PHE A 251 -28.88 21.14 -10.13
CA PHE A 251 -28.96 19.79 -10.63
C PHE A 251 -30.11 19.79 -11.61
N PRO A 252 -30.14 18.84 -12.53
CA PRO A 252 -31.28 18.82 -13.42
C PRO A 252 -32.61 18.59 -12.68
N THR A 253 -33.68 18.91 -13.39
CA THR A 253 -35.06 18.80 -12.92
C THR A 253 -35.49 17.45 -12.38
N ASN A 254 -35.06 16.35 -13.02
CA ASN A 254 -35.47 15.02 -12.58
C ASN A 254 -34.97 14.67 -11.15
N PHE A 255 -33.88 15.30 -10.72
CA PHE A 255 -33.39 15.10 -9.36
C PHE A 255 -34.42 15.61 -8.35
N TYR A 256 -34.85 16.86 -8.52
CA TYR A 256 -35.78 17.48 -7.57
C TYR A 256 -37.13 16.79 -7.61
N GLN A 257 -37.57 16.45 -8.82
CA GLN A 257 -38.82 15.73 -8.99
C GLN A 257 -38.82 14.45 -8.18
N ARG A 258 -37.84 13.60 -8.42
CA ARG A 258 -37.76 12.30 -7.77
C ARG A 258 -37.49 12.39 -6.26
N TYR A 259 -36.68 13.35 -5.83
CA TYR A 259 -36.41 13.49 -4.40
C TYR A 259 -37.68 13.84 -3.64
N ASN A 260 -38.42 14.82 -4.14
CA ASN A 260 -39.66 15.25 -3.54
C ASN A 260 -40.77 14.16 -3.58
N GLU A 261 -40.66 13.26 -4.54
CA GLU A 261 -41.60 12.17 -4.66
C GLU A 261 -41.34 11.13 -3.57
N ILE A 262 -40.07 10.86 -3.27
CA ILE A 262 -39.71 9.88 -2.25
C ILE A 262 -39.83 10.46 -0.85
N TYR A 263 -39.27 11.65 -0.64
CA TYR A 263 -39.27 12.32 0.67
C TYR A 263 -39.82 13.76 0.56
N PRO A 264 -41.14 13.92 0.40
CA PRO A 264 -41.69 15.25 0.17
C PRO A 264 -41.21 16.32 1.12
N LEU A 265 -40.75 17.44 0.54
CA LEU A 265 -40.31 18.59 1.30
C LEU A 265 -41.49 19.19 2.10
N GLU A 266 -41.22 19.60 3.34
CA GLU A 266 -42.25 20.13 4.25
C GLU A 266 -42.56 21.59 4.02
N GLU A 267 -43.69 22.02 4.55
CA GLU A 267 -44.13 23.39 4.43
C GLU A 267 -43.08 24.30 5.06
N GLY A 268 -42.79 25.43 4.39
CA GLY A 268 -41.80 26.42 4.82
C GLY A 268 -40.50 26.37 4.04
N TYR A 269 -40.31 25.34 3.20
CA TYR A 269 -39.07 25.17 2.44
C TYR A 269 -38.51 26.42 1.73
N LEU A 270 -39.31 27.15 0.96
CA LEU A 270 -38.78 28.30 0.20
C LEU A 270 -38.26 29.46 1.05
N GLU A 271 -38.88 29.66 2.20
CA GLU A 271 -38.41 30.71 3.09
C GLU A 271 -37.07 30.27 3.72
N ARG A 272 -37.03 29.02 4.15
CA ARG A 272 -35.80 28.48 4.75
C ARG A 272 -34.69 28.36 3.72
N LYS A 273 -35.03 28.04 2.47
CA LYS A 273 -34.01 27.90 1.43
CA LYS A 273 -34.05 27.93 1.38
C LYS A 273 -33.11 29.12 1.36
N LEU A 274 -33.68 30.31 1.53
CA LEU A 274 -32.86 31.53 1.48
C LEU A 274 -31.79 31.63 2.59
N ILE A 275 -32.15 31.31 3.82
CA ILE A 275 -31.16 31.38 4.91
C ILE A 275 -30.16 30.23 4.84
N TYR A 276 -30.61 29.06 4.35
CA TYR A 276 -29.69 27.96 4.17
C TYR A 276 -28.69 28.35 3.09
N GLN A 277 -29.16 28.93 1.98
CA GLN A 277 -28.28 29.38 0.90
C GLN A 277 -27.32 30.48 1.32
N LEU A 278 -27.77 31.37 2.18
CA LEU A 278 -26.93 32.44 2.72
C LEU A 278 -25.64 31.93 3.35
N TYR A 279 -25.73 30.76 4.01
CA TYR A 279 -24.52 30.15 4.61
C TYR A 279 -23.47 29.88 3.55
N TYR A 280 -23.85 29.23 2.46
CA TYR A 280 -22.87 28.92 1.41
C TYR A 280 -22.32 30.17 0.75
N LEU A 281 -23.17 31.16 0.47
CA LEU A 281 -22.70 32.42 -0.11
C LEU A 281 -21.66 33.15 0.78
N LEU A 282 -21.88 33.13 2.09
CA LEU A 282 -20.88 33.70 3.04
C LEU A 282 -19.56 32.92 2.93
N ASN A 283 -19.67 31.60 2.88
CA ASN A 283 -18.49 30.76 2.72
C ASN A 283 -17.78 31.08 1.40
N PHE A 284 -18.53 31.08 0.30
CA PHE A 284 -17.97 31.38 -1.01
C PHE A 284 -17.40 32.78 -1.03
N SER A 285 -18.08 33.74 -0.43
CA SER A 285 -17.58 35.12 -0.37
C SER A 285 -16.21 35.21 0.29
N TYR A 286 -16.07 34.53 1.42
CA TYR A 286 -14.82 34.48 2.14
C TYR A 286 -13.71 33.86 1.29
N ARG A 287 -14.01 32.72 0.70
CA ARG A 287 -13.04 31.98 -0.11
C ARG A 287 -12.62 32.66 -1.40
N TYR A 288 -13.52 33.43 -2.01
CA TYR A 288 -13.27 33.99 -3.34
C TYR A 288 -13.46 35.49 -3.57
N TYR A 289 -13.48 36.30 -2.51
CA TYR A 289 -13.66 37.77 -2.67
C TYR A 289 -12.62 38.39 -3.62
N ASN A 290 -11.39 37.87 -3.59
CA ASN A 290 -10.32 38.36 -4.46
C ASN A 290 -10.51 37.98 -5.94
N LYS A 291 -11.21 36.88 -6.21
CA LYS A 291 -11.39 36.36 -7.59
C LYS A 291 -12.72 36.71 -8.30
N LYS A 292 -13.82 36.11 -7.85
CA LYS A 292 -15.14 36.28 -8.49
C LYS A 292 -15.82 37.63 -8.31
N GLN A 293 -16.06 38.05 -7.05
CA GLN A 293 -16.70 39.36 -6.73
C GLN A 293 -18.24 39.38 -6.81
N SER A 294 -18.83 38.53 -7.64
CA SER A 294 -20.29 38.43 -7.69
C SER A 294 -20.83 37.76 -6.41
N TYR A 295 -19.98 37.02 -5.68
CA TYR A 295 -20.44 36.36 -4.46
C TYR A 295 -20.80 37.37 -3.38
N VAL A 296 -19.98 38.40 -3.21
CA VAL A 296 -20.27 39.44 -2.22
C VAL A 296 -21.59 40.16 -2.54
N SER A 297 -21.72 40.60 -3.79
CA SER A 297 -22.94 41.25 -4.28
C SER A 297 -24.19 40.42 -4.06
N LEU A 298 -24.15 39.13 -4.39
CA LEU A 298 -25.33 38.28 -4.17
C LEU A 298 -25.62 38.13 -2.66
N THR A 299 -24.56 38.01 -1.85
CA THR A 299 -24.72 37.86 -0.39
C THR A 299 -25.36 39.11 0.21
N GLN A 300 -24.82 40.27 -0.15
CA GLN A 300 -25.34 41.54 0.33
C GLN A 300 -26.81 41.72 -0.06
N LYS A 301 -27.14 41.47 -1.32
CA LYS A 301 -28.55 41.56 -1.77
C LYS A 301 -29.44 40.63 -0.96
N LEU A 302 -29.00 39.39 -0.77
CA LEU A 302 -29.79 38.40 0.00
C LEU A 302 -30.01 38.79 1.49
N ILE A 303 -29.00 39.43 2.08
CA ILE A 303 -29.06 39.91 3.45
C ILE A 303 -30.05 41.08 3.55
N ASN A 304 -30.02 41.97 2.58
CA ASN A 304 -30.98 43.08 2.56
C ASN A 304 -32.42 42.56 2.49
N GLN A 305 -32.67 41.54 1.68
CA GLN A 305 -34.02 40.99 1.58
C GLN A 305 -34.50 40.43 2.94
N ILE A 306 -33.61 39.72 3.62
CA ILE A 306 -33.91 39.09 4.91
C ILE A 306 -34.07 40.12 6.03
N LEU A 307 -33.31 41.22 5.93
CA LEU A 307 -33.25 42.27 6.93
C LEU A 307 -34.28 43.41 6.68
N HIS A 308 -34.32 43.97 5.46
CA HIS A 308 -35.23 45.08 5.16
C HIS A 308 -36.67 44.62 4.87
N LYS A 309 -36.85 43.77 3.86
CA LYS A 309 -38.17 43.23 3.49
C LYS A 309 -38.48 41.96 4.27
N ASN B 14 26.56 -47.19 16.49
CA ASN B 14 26.39 -47.20 15.00
C ASN B 14 27.65 -46.69 14.29
N LEU B 15 28.24 -47.54 13.47
CA LEU B 15 29.51 -47.26 12.83
C LEU B 15 29.47 -46.13 11.79
N TYR B 16 28.34 -45.98 11.09
CA TYR B 16 28.17 -44.88 10.13
C TYR B 16 28.24 -43.54 10.83
N PHE B 17 27.49 -43.42 11.92
CA PHE B 17 27.47 -42.18 12.71
C PHE B 17 28.82 -41.92 13.35
N GLN B 18 29.46 -42.95 13.88
CA GLN B 18 30.78 -42.76 14.45
C GLN B 18 31.75 -42.27 13.38
N GLY B 19 31.65 -42.80 12.17
CA GLY B 19 32.50 -42.38 11.07
C GLY B 19 32.22 -40.94 10.70
N MSE B 20 30.93 -40.61 10.63
CA MSE B 20 30.51 -39.25 10.30
C MSE B 20 31.19 -38.22 11.22
O MSE B 20 31.84 -37.32 10.75
CB MSE B 20 28.99 -39.18 10.40
CG MSE B 20 28.31 -37.85 9.98
SE MSE B 20 26.44 -38.09 10.47
CE MSE B 20 26.59 -37.91 12.41
N TRP B 21 31.04 -38.39 12.54
CA TRP B 21 31.63 -37.46 13.50
C TRP B 21 33.16 -37.43 13.41
N LYS B 22 33.76 -38.60 13.16
CA LYS B 22 35.22 -38.71 12.97
C LYS B 22 35.65 -37.84 11.78
N SER B 23 34.92 -37.99 10.67
CA SER B 23 35.23 -37.24 9.45
C SER B 23 35.05 -35.73 9.70
N ILE B 24 33.99 -35.37 10.43
CA ILE B 24 33.75 -33.96 10.80
C ILE B 24 34.87 -33.41 11.69
N SER B 25 35.27 -34.19 12.69
CA SER B 25 36.35 -33.73 13.58
C SER B 25 37.63 -33.48 12.78
N GLN B 26 37.90 -34.39 11.84
CA GLN B 26 39.07 -34.34 11.00
C GLN B 26 39.13 -33.10 10.13
N VAL B 27 37.98 -32.75 9.53
CA VAL B 27 37.92 -31.53 8.71
C VAL B 27 38.11 -30.27 9.59
N LEU B 28 37.51 -30.26 10.78
CA LEU B 28 37.65 -29.09 11.65
C LEU B 28 39.08 -28.94 12.15
N ALA B 29 39.76 -30.07 12.31
CA ALA B 29 41.16 -30.05 12.74
C ALA B 29 42.01 -29.34 11.69
N GLU B 30 41.81 -29.67 10.42
CA GLU B 30 42.55 -29.03 9.33
C GLU B 30 42.23 -27.54 9.31
N GLN B 31 40.97 -27.18 9.51
CA GLN B 31 40.55 -25.78 9.53
C GLN B 31 41.16 -24.99 10.71
N PHE B 32 40.92 -25.44 11.94
CA PHE B 32 41.39 -24.70 13.11
C PHE B 32 42.83 -24.97 13.56
N GLY B 33 43.61 -25.76 12.81
CA GLY B 33 45.01 -26.04 13.16
C GLY B 33 45.29 -26.87 14.42
N ALA B 34 44.27 -27.56 14.91
CA ALA B 34 44.40 -28.37 16.11
C ALA B 34 43.19 -29.28 16.12
N TYR B 35 43.38 -30.53 16.53
CA TYR B 35 42.29 -31.48 16.54
C TYR B 35 41.09 -30.96 17.36
N TYR B 36 39.91 -31.23 16.84
CA TYR B 36 38.63 -30.77 17.39
C TYR B 36 37.94 -31.91 18.11
N PHE B 37 38.07 -31.94 19.44
CA PHE B 37 37.40 -32.96 20.26
C PHE B 37 35.97 -32.50 20.57
N ILE B 38 34.98 -33.22 20.03
CA ILE B 38 33.56 -32.90 20.22
C ILE B 38 33.08 -33.21 21.62
N LYS B 39 32.64 -32.21 22.37
CA LYS B 39 32.18 -32.44 23.74
C LYS B 39 30.66 -32.36 23.90
N HIS B 40 29.98 -31.62 23.04
CA HIS B 40 28.52 -31.57 23.09
C HIS B 40 27.92 -31.57 21.68
N LYS B 41 26.82 -32.29 21.54
CA LYS B 41 26.07 -32.46 20.29
C LYS B 41 24.60 -32.20 20.58
N GLU B 42 23.91 -31.57 19.63
CA GLU B 42 22.47 -31.29 19.73
C GLU B 42 21.82 -31.25 18.33
N LYS B 43 20.83 -32.11 18.12
CA LYS B 43 20.11 -32.17 16.86
C LYS B 43 18.95 -31.17 16.88
N LEU B 44 19.00 -30.15 16.02
CA LEU B 44 17.94 -29.13 15.95
C LEU B 44 16.84 -29.60 15.01
N TYR B 45 15.64 -29.06 15.19
CA TYR B 45 14.52 -29.36 14.30
C TYR B 45 14.69 -28.58 13.00
N SER B 46 14.21 -29.17 11.91
CA SER B 46 14.11 -28.49 10.61
C SER B 46 13.12 -29.28 9.72
N GLY B 47 12.30 -28.55 8.97
CA GLY B 47 11.37 -29.18 8.03
C GLY B 47 12.13 -29.58 6.78
N GLU B 48 13.28 -28.92 6.58
CA GLU B 48 14.16 -29.15 5.42
C GLU B 48 14.70 -30.59 5.30
N MSE B 49 15.24 -30.84 4.11
CA MSE B 49 15.85 -32.12 3.69
C MSE B 49 17.04 -32.60 4.54
O MSE B 49 17.27 -33.79 4.72
CB MSE B 49 16.30 -31.96 2.23
CG MSE B 49 17.40 -30.88 2.00
SE MSE B 49 17.93 -30.63 0.11
CE MSE B 49 17.73 -32.54 -0.37
N ASN B 50 17.81 -31.65 5.07
CA ASN B 50 18.99 -31.95 5.82
C ASN B 50 18.75 -32.12 7.30
N GLU B 51 19.67 -32.81 7.93
CA GLU B 51 19.70 -33.01 9.36
C GLU B 51 20.54 -31.83 9.83
N ILE B 52 20.09 -31.12 10.84
CA ILE B 52 20.83 -29.96 11.33
C ILE B 52 21.27 -30.21 12.76
N TRP B 53 22.54 -29.88 13.05
CA TRP B 53 23.11 -30.06 14.38
C TRP B 53 23.99 -28.87 14.84
N LEU B 54 24.03 -28.67 16.16
CA LEU B 54 24.97 -27.75 16.78
C LEU B 54 25.94 -28.62 17.59
N ILE B 55 27.24 -28.41 17.38
CA ILE B 55 28.26 -29.13 18.13
C ILE B 55 29.24 -28.13 18.68
N ASN B 56 29.89 -28.51 19.77
CA ASN B 56 30.99 -27.70 20.29
C ASN B 56 32.06 -28.56 21.02
N ASP B 57 33.23 -27.95 21.18
CA ASP B 57 34.39 -28.56 21.83
C ASP B 57 34.75 -27.83 23.15
N GLU B 58 33.77 -27.09 23.70
CA GLU B 58 33.86 -26.29 24.95
C GLU B 58 34.35 -24.89 24.70
N VAL B 59 34.83 -24.60 23.50
CA VAL B 59 35.24 -23.26 23.15
C VAL B 59 34.52 -22.81 21.86
N GLN B 60 34.75 -23.53 20.77
CA GLN B 60 34.20 -23.23 19.42
C GLN B 60 32.91 -24.00 19.07
N THR B 61 31.84 -23.28 18.72
CA THR B 61 30.59 -23.92 18.29
C THR B 61 30.54 -23.99 16.76
N VAL B 62 29.99 -25.07 16.23
CA VAL B 62 29.87 -25.28 14.78
C VAL B 62 28.46 -25.71 14.41
N PHE B 63 27.93 -25.10 13.35
CA PHE B 63 26.60 -25.40 12.81
C PHE B 63 26.82 -26.43 11.70
N VAL B 64 26.10 -27.54 11.76
CA VAL B 64 26.32 -28.62 10.83
C VAL B 64 25.09 -29.08 10.04
N LYS B 65 25.24 -29.16 8.72
CA LYS B 65 24.22 -29.71 7.84
C LYS B 65 24.76 -31.08 7.40
N ILE B 66 23.93 -32.09 7.53
CA ILE B 66 24.26 -33.46 7.21
C ILE B 66 23.19 -34.10 6.29
N ASN B 67 23.63 -34.96 5.38
CA ASN B 67 22.73 -35.69 4.50
C ASN B 67 23.52 -36.89 3.98
N GLU B 68 22.97 -37.67 3.04
CA GLU B 68 23.65 -38.85 2.52
C GLU B 68 24.96 -38.46 1.80
N ARG B 69 25.83 -39.45 1.60
CA ARG B 69 27.17 -39.19 1.02
C ARG B 69 27.10 -38.51 -0.34
N SER B 70 26.18 -38.99 -1.18
CA SER B 70 26.03 -38.47 -2.54
C SER B 70 25.72 -36.98 -2.61
N TYR B 71 25.31 -36.37 -1.50
CA TYR B 71 25.07 -34.91 -1.46
C TYR B 71 26.32 -34.06 -1.28
N ARG B 72 27.52 -34.64 -1.34
CA ARG B 72 28.73 -33.82 -1.15
C ARG B 72 28.88 -32.69 -2.22
N SER B 73 28.45 -32.95 -3.44
CA SER B 73 28.56 -31.94 -4.50
C SER B 73 27.65 -30.73 -4.19
N MSE B 74 26.40 -31.02 -3.80
CA MSE B 74 25.45 -29.99 -3.35
C MSE B 74 26.07 -29.16 -2.23
O MSE B 74 26.04 -27.93 -2.29
CB MSE B 74 24.14 -30.61 -2.82
CG MSE B 74 23.16 -29.57 -2.29
SE MSE B 74 21.54 -30.34 -1.52
CE MSE B 74 22.31 -30.78 0.27
N PHE B 75 26.60 -29.83 -1.20
CA PHE B 75 27.22 -29.14 -0.07
C PHE B 75 28.45 -28.33 -0.50
N ARG B 76 29.20 -28.81 -1.49
CA ARG B 76 30.33 -28.01 -2.03
C ARG B 76 29.80 -26.75 -2.72
N ALA B 77 28.72 -26.93 -3.48
CA ALA B 77 28.08 -25.82 -4.17
C ALA B 77 27.69 -24.75 -3.15
N GLU B 78 27.08 -25.16 -2.04
CA GLU B 78 26.66 -24.16 -1.04
C GLU B 78 27.85 -23.41 -0.45
N ALA B 79 28.96 -24.13 -0.23
CA ALA B 79 30.19 -23.52 0.30
C ALA B 79 30.76 -22.53 -0.68
N ASP B 80 30.72 -22.84 -1.98
CA ASP B 80 31.23 -21.91 -3.01
C ASP B 80 30.38 -20.65 -3.14
N GLN B 81 29.07 -20.81 -2.93
CA GLN B 81 28.17 -19.65 -2.97
C GLN B 81 28.51 -18.71 -1.83
N LEU B 82 28.57 -19.24 -0.60
CA LEU B 82 28.91 -18.46 0.61
C LEU B 82 30.28 -17.81 0.53
N ALA B 83 31.27 -18.50 -0.04
CA ALA B 83 32.60 -17.88 -0.24
C ALA B 83 32.53 -16.71 -1.23
N LEU B 84 31.94 -16.92 -2.42
CA LEU B 84 31.84 -15.85 -3.44
C LEU B 84 31.00 -14.65 -2.95
N LEU B 85 29.92 -14.92 -2.22
CA LEU B 85 29.12 -13.83 -1.64
C LEU B 85 29.95 -13.03 -0.62
N ALA B 86 30.75 -13.73 0.20
CA ALA B 86 31.58 -13.05 1.21
C ALA B 86 32.69 -12.21 0.57
N LYS B 87 33.28 -12.66 -0.53
CA LYS B 87 34.32 -11.85 -1.21
C LYS B 87 33.80 -10.54 -1.80
N THR B 88 32.49 -10.42 -2.05
CA THR B 88 31.95 -9.15 -2.59
C THR B 88 31.95 -8.01 -1.56
N ASN B 89 32.17 -8.30 -0.27
CA ASN B 89 32.20 -7.27 0.77
CA ASN B 89 32.21 -7.28 0.77
C ASN B 89 30.95 -6.40 0.76
N SER B 90 29.79 -7.07 0.70
CA SER B 90 28.48 -6.42 0.69
C SER B 90 27.67 -7.01 1.82
N ILE B 91 26.88 -8.04 1.55
CA ILE B 91 26.05 -8.64 2.59
C ILE B 91 26.85 -9.50 3.55
N ASN B 92 26.32 -9.63 4.75
CA ASN B 92 26.90 -10.45 5.79
C ASN B 92 26.40 -11.87 5.60
N VAL B 93 27.33 -12.83 5.47
CA VAL B 93 26.99 -14.26 5.38
C VAL B 93 27.86 -15.11 6.36
N PRO B 94 27.38 -16.30 6.78
CA PRO B 94 28.20 -17.12 7.69
C PRO B 94 29.49 -17.66 7.07
N LEU B 95 30.57 -17.69 7.85
CA LEU B 95 31.84 -18.26 7.39
C LEU B 95 31.67 -19.75 7.19
N VAL B 96 32.46 -20.28 6.27
CA VAL B 96 32.48 -21.72 5.97
C VAL B 96 33.71 -22.33 6.65
N TYR B 97 33.52 -23.37 7.46
CA TYR B 97 34.67 -24.08 8.06
C TYR B 97 35.13 -25.26 7.17
N GLY B 98 34.21 -25.91 6.46
CA GLY B 98 34.60 -26.94 5.52
C GLY B 98 33.44 -27.80 5.08
N ILE B 99 33.77 -28.72 4.18
CA ILE B 99 32.84 -29.74 3.69
C ILE B 99 33.53 -31.09 3.81
N GLY B 100 32.77 -32.17 3.67
CA GLY B 100 33.37 -33.49 3.72
C GLY B 100 32.33 -34.57 3.66
N ASN B 101 32.82 -35.82 3.69
CA ASN B 101 31.98 -37.00 3.74
C ASN B 101 32.64 -38.10 4.58
N SER B 102 31.80 -39.05 4.98
CA SER B 102 32.17 -40.25 5.68
C SER B 102 31.63 -41.38 4.80
N GLN B 103 31.59 -42.60 5.31
CA GLN B 103 31.12 -43.73 4.51
C GLN B 103 29.67 -43.53 4.01
N GLY B 104 28.78 -43.17 4.92
CA GLY B 104 27.36 -43.00 4.56
C GLY B 104 26.80 -41.60 4.65
N HIS B 105 27.62 -40.58 4.82
CA HIS B 105 27.13 -39.22 5.00
C HIS B 105 28.04 -38.21 4.34
N SER B 106 27.48 -37.01 4.13
CA SER B 106 28.18 -35.83 3.64
C SER B 106 27.72 -34.68 4.52
N PHE B 107 28.47 -33.57 4.52
CA PHE B 107 28.17 -32.48 5.41
C PHE B 107 28.78 -31.14 5.05
N LEU B 108 28.17 -30.08 5.63
CA LEU B 108 28.64 -28.70 5.48
CA LEU B 108 28.65 -28.72 5.47
C LEU B 108 28.83 -28.24 6.90
N LEU B 109 29.87 -27.42 7.13
CA LEU B 109 30.22 -26.95 8.47
C LEU B 109 30.43 -25.46 8.43
N LEU B 110 29.55 -24.76 9.15
CA LEU B 110 29.51 -23.33 9.12
C LEU B 110 29.61 -22.74 10.50
N GLU B 111 29.94 -21.46 10.51
CA GLU B 111 29.93 -20.62 11.70
C GLU B 111 28.56 -20.71 12.33
N ALA B 112 28.49 -20.81 13.66
CA ALA B 112 27.18 -20.84 14.35
C ALA B 112 26.90 -19.40 14.78
N LEU B 113 25.92 -18.78 14.14
CA LEU B 113 25.55 -17.40 14.40
C LEU B 113 24.65 -17.31 15.64
N ASN B 114 24.86 -16.27 16.44
CA ASN B 114 24.06 -16.06 17.65
C ASN B 114 22.88 -15.09 17.39
N LYS B 115 21.69 -15.65 17.23
CA LYS B 115 20.45 -14.92 16.93
C LYS B 115 20.03 -13.98 18.08
N SER B 116 19.94 -12.67 17.80
CA SER B 116 19.48 -11.69 18.81
C SER B 116 18.12 -11.12 18.36
N LYS B 117 17.49 -10.30 19.21
CA LYS B 117 16.16 -9.74 18.93
C LYS B 117 16.18 -8.81 17.72
N ASN B 118 15.22 -9.00 16.83
CA ASN B 118 15.13 -8.24 15.58
C ASN B 118 15.09 -6.71 15.69
N LYS B 119 15.78 -6.03 14.79
CA LYS B 119 15.83 -4.55 14.72
C LYS B 119 15.44 -4.05 13.33
N GLN B 120 14.27 -3.45 13.22
CA GLN B 120 13.81 -2.93 11.96
C GLN B 120 14.88 -2.08 11.24
N SER B 121 15.63 -1.27 11.99
CA SER B 121 16.65 -0.39 11.40
C SER B 121 17.80 -1.13 10.70
N SER B 122 18.00 -2.40 11.07
CA SER B 122 19.05 -3.20 10.43
C SER B 122 18.69 -3.45 8.95
N PHE B 123 17.40 -3.42 8.63
CA PHE B 123 16.97 -3.59 7.24
C PHE B 123 17.33 -2.45 6.28
N THR B 124 17.57 -1.26 6.82
CA THR B 124 17.99 -0.12 6.01
C THR B 124 19.40 -0.36 5.50
N ILE B 125 20.25 -0.81 6.42
CA ILE B 125 21.63 -1.15 6.13
C ILE B 125 21.64 -2.36 5.18
N PHE B 126 20.77 -3.33 5.45
CA PHE B 126 20.66 -4.52 4.59
C PHE B 126 20.30 -4.13 3.16
N ALA B 127 19.36 -3.21 2.99
CA ALA B 127 19.01 -2.74 1.63
C ALA B 127 20.23 -2.13 0.95
N GLU B 128 21.05 -1.36 1.68
CA GLU B 128 22.25 -0.77 1.09
C GLU B 128 23.20 -1.89 0.64
N LYS B 129 23.27 -2.98 1.41
CA LYS B 129 24.17 -4.10 1.05
C LYS B 129 23.64 -4.91 -0.11
N ILE B 130 22.32 -5.17 -0.14
CA ILE B 130 21.71 -5.88 -1.25
C ILE B 130 21.85 -5.06 -2.55
N ALA B 131 21.69 -3.73 -2.45
CA ALA B 131 21.88 -2.85 -3.59
C ALA B 131 23.31 -2.98 -4.11
N GLN B 132 24.27 -2.80 -3.22
CA GLN B 132 25.66 -2.92 -3.58
C GLN B 132 25.94 -4.25 -4.27
N LEU B 133 25.37 -5.33 -3.74
CA LEU B 133 25.51 -6.65 -4.38
C LEU B 133 24.99 -6.63 -5.83
N HIS B 134 23.80 -6.10 -6.01
CA HIS B 134 23.15 -6.09 -7.34
C HIS B 134 23.85 -5.15 -8.36
N GLN B 135 24.55 -4.14 -7.85
CA GLN B 135 25.28 -3.18 -8.70
C GLN B 135 26.60 -3.73 -9.25
N ILE B 136 27.10 -4.83 -8.70
CA ILE B 136 28.36 -5.43 -9.18
C ILE B 136 28.22 -5.84 -10.64
N GLN B 137 29.17 -5.41 -11.48
CA GLN B 137 29.13 -5.76 -12.90
C GLN B 137 30.12 -6.90 -13.16
N GLY B 138 29.63 -7.95 -13.80
CA GLY B 138 30.45 -9.10 -14.09
C GLY B 138 30.24 -9.57 -15.50
N PRO B 139 29.67 -10.76 -15.67
CA PRO B 139 29.48 -11.30 -17.00
C PRO B 139 28.32 -10.64 -17.74
N ASP B 140 28.25 -10.86 -19.07
CA ASP B 140 27.16 -10.35 -19.89
C ASP B 140 26.25 -11.49 -20.33
N LYS B 141 26.13 -12.52 -19.50
CA LYS B 141 25.22 -13.62 -19.76
C LYS B 141 24.63 -13.99 -18.42
N TYR B 142 23.59 -14.79 -18.44
CA TYR B 142 22.89 -15.19 -17.23
C TYR B 142 23.17 -16.65 -16.90
N GLY B 143 23.43 -16.92 -15.62
CA GLY B 143 23.73 -18.26 -15.13
C GLY B 143 24.84 -18.20 -14.09
N LEU B 144 25.73 -19.21 -14.10
CA LEU B 144 26.85 -19.33 -13.18
C LEU B 144 27.64 -20.58 -13.64
N ASP B 145 28.91 -20.70 -13.23
CA ASP B 145 29.79 -21.82 -13.63
C ASP B 145 29.42 -23.17 -13.04
N PHE B 146 28.59 -23.18 -12.00
CA PHE B 146 28.12 -24.42 -11.44
C PHE B 146 26.66 -24.24 -11.05
N ASP B 147 25.95 -25.35 -10.98
CA ASP B 147 24.55 -25.37 -10.64
C ASP B 147 24.37 -25.23 -9.14
N THR B 148 23.43 -24.38 -8.72
CA THR B 148 23.15 -24.17 -7.30
C THR B 148 21.80 -24.81 -6.96
N TRP B 149 21.49 -24.92 -5.65
CA TRP B 149 20.26 -25.58 -5.18
C TRP B 149 19.29 -24.66 -4.45
N LEU B 150 18.00 -24.89 -4.66
CA LEU B 150 16.92 -24.19 -3.99
C LEU B 150 16.08 -25.33 -3.45
N GLY B 151 16.31 -25.65 -2.16
CA GLY B 151 15.65 -26.78 -1.53
C GLY B 151 16.26 -28.02 -2.14
N PRO B 152 15.46 -29.07 -2.34
CA PRO B 152 15.92 -30.32 -2.91
C PRO B 152 16.05 -30.37 -4.44
N ILE B 153 16.04 -29.24 -5.15
CA ILE B 153 16.21 -29.29 -6.61
C ILE B 153 17.40 -28.43 -6.99
N TYR B 154 18.19 -28.86 -7.95
CA TYR B 154 19.27 -28.00 -8.42
C TYR B 154 18.71 -27.13 -9.53
N GLN B 155 19.38 -26.02 -9.75
CA GLN B 155 18.99 -25.01 -10.69
C GLN B 155 19.99 -25.00 -11.84
N PRO B 156 19.53 -25.38 -13.06
CA PRO B 156 20.42 -25.33 -14.20
C PRO B 156 20.95 -23.91 -14.39
N ASN B 157 22.26 -23.77 -14.40
CA ASN B 157 22.92 -22.48 -14.55
C ASN B 157 23.76 -22.31 -15.82
N ASP B 158 23.55 -23.17 -16.82
CA ASP B 158 24.30 -23.06 -18.08
C ASP B 158 24.07 -21.67 -18.65
N TRP B 159 25.13 -21.04 -19.13
CA TRP B 159 25.06 -19.66 -19.56
C TRP B 159 24.19 -19.42 -20.79
N GLN B 160 23.47 -18.31 -20.78
CA GLN B 160 22.55 -17.92 -21.88
C GLN B 160 22.60 -16.40 -22.06
N THR B 161 22.61 -15.93 -23.30
CA THR B 161 22.57 -14.48 -23.56
C THR B 161 21.14 -13.90 -23.43
N SER B 162 20.12 -14.74 -23.63
CA SER B 162 18.73 -14.29 -23.50
C SER B 162 18.12 -14.58 -22.12
N TRP B 163 17.79 -13.52 -21.38
CA TRP B 163 17.15 -13.68 -20.07
C TRP B 163 15.79 -14.39 -20.20
N ALA B 164 15.01 -14.00 -21.20
CA ALA B 164 13.70 -14.60 -21.48
C ALA B 164 13.78 -16.10 -21.58
N LYS B 165 14.77 -16.59 -22.32
CA LYS B 165 14.96 -18.02 -22.51
C LYS B 165 15.42 -18.64 -21.21
N PHE B 166 16.41 -18.01 -20.57
CA PHE B 166 16.94 -18.53 -19.31
C PHE B 166 15.88 -18.70 -18.25
N PHE B 167 15.13 -17.64 -17.95
CA PHE B 167 14.20 -17.74 -16.85
C PHE B 167 13.02 -18.63 -17.18
N SER B 168 12.52 -18.48 -18.40
CA SER B 168 11.42 -19.26 -18.95
C SER B 168 11.64 -20.78 -18.90
N GLU B 169 12.84 -21.22 -19.28
CA GLU B 169 13.18 -22.66 -19.35
C GLU B 169 13.96 -23.19 -18.13
N ASN B 170 15.09 -22.57 -17.82
CA ASN B 170 15.94 -22.99 -16.69
C ASN B 170 15.34 -22.80 -15.29
N ARG B 171 14.25 -22.02 -15.19
CA ARG B 171 13.54 -21.81 -13.94
C ARG B 171 12.11 -22.26 -14.01
N ILE B 172 11.27 -21.57 -14.78
CA ILE B 172 9.81 -21.90 -14.81
C ILE B 172 9.54 -23.28 -15.40
N GLY B 173 10.09 -23.54 -16.59
CA GLY B 173 9.86 -24.83 -17.24
C GLY B 173 10.38 -26.01 -16.42
N TRP B 174 11.61 -25.85 -15.93
CA TRP B 174 12.26 -26.89 -15.14
C TRP B 174 11.41 -27.22 -13.93
N GLN B 175 10.98 -26.21 -13.18
CA GLN B 175 10.13 -26.45 -12.02
C GLN B 175 8.76 -27.05 -12.29
N LEU B 176 8.15 -26.67 -13.42
CA LEU B 176 6.83 -27.19 -13.79
C LEU B 176 6.93 -28.69 -14.04
N GLN B 177 7.99 -29.10 -14.73
CA GLN B 177 8.24 -30.53 -15.00
C GLN B 177 8.45 -31.33 -13.71
N ILE B 178 9.22 -30.75 -12.80
CA ILE B 178 9.45 -31.39 -11.49
C ILE B 178 8.10 -31.54 -10.74
N CYS B 179 7.29 -30.48 -10.76
CA CYS B 179 5.94 -30.53 -10.14
C CYS B 179 5.05 -31.59 -10.77
N LYS B 180 5.17 -31.75 -12.10
CA LYS B 180 4.38 -32.78 -12.80
C LYS B 180 4.71 -34.17 -12.29
N GLU B 181 6.00 -34.41 -11.96
CA GLU B 181 6.40 -35.69 -11.37
C GLU B 181 5.61 -36.03 -10.13
N LYS B 182 5.38 -35.04 -9.28
CA LYS B 182 4.63 -35.26 -8.05
C LYS B 182 3.11 -35.26 -8.29
N GLY B 183 2.65 -34.84 -9.47
CA GLY B 183 1.22 -34.79 -9.75
C GLY B 183 0.61 -33.41 -9.56
N LEU B 184 1.46 -32.40 -9.46
CA LEU B 184 1.02 -31.02 -9.36
C LEU B 184 1.00 -30.52 -10.81
N ILE B 185 -0.19 -30.54 -11.41
CA ILE B 185 -0.42 -30.12 -12.80
C ILE B 185 -1.23 -28.81 -12.81
N PHE B 186 -0.58 -27.72 -13.21
CA PHE B 186 -1.19 -26.38 -13.20
C PHE B 186 -1.68 -25.83 -14.56
N GLY B 187 -1.36 -26.54 -15.65
CA GLY B 187 -1.75 -26.15 -17.01
C GLY B 187 -0.72 -26.74 -17.98
N ASN B 188 -0.88 -26.43 -19.28
CA ASN B 188 0.04 -26.92 -20.32
C ASN B 188 1.37 -26.25 -20.12
N ILE B 189 2.46 -27.03 -20.09
CA ILE B 189 3.79 -26.47 -19.73
C ILE B 189 4.41 -25.56 -20.76
N ASP B 190 4.23 -25.88 -22.04
CA ASP B 190 4.71 -25.01 -23.11
C ASP B 190 3.95 -23.67 -23.11
N LEU B 191 2.66 -23.73 -22.83
CA LEU B 191 1.86 -22.52 -22.83
C LEU B 191 2.39 -21.59 -21.75
N ILE B 192 2.54 -22.09 -20.54
CA ILE B 192 3.05 -21.29 -19.43
C ILE B 192 4.45 -20.76 -19.77
N VAL B 193 5.32 -21.63 -20.28
CA VAL B 193 6.70 -21.23 -20.62
C VAL B 193 6.74 -20.09 -21.67
N GLN B 194 5.98 -20.25 -22.74
CA GLN B 194 5.86 -19.24 -23.82
C GLN B 194 5.29 -17.90 -23.32
N ILE B 195 4.25 -17.96 -22.47
CA ILE B 195 3.70 -16.74 -21.87
C ILE B 195 4.76 -16.01 -21.02
N VAL B 196 5.56 -16.76 -20.27
CA VAL B 196 6.61 -16.16 -19.43
C VAL B 196 7.70 -15.55 -20.31
N ALA B 197 8.05 -16.28 -21.38
CA ALA B 197 9.06 -15.80 -22.33
C ALA B 197 8.55 -14.55 -23.07
N ASP B 198 7.26 -14.52 -23.42
CA ASP B 198 6.68 -13.31 -24.02
C ASP B 198 6.86 -12.11 -23.07
N THR B 199 6.52 -12.28 -21.79
CA THR B 199 6.66 -11.19 -20.80
C THR B 199 8.06 -10.64 -20.72
N LEU B 200 9.05 -11.49 -20.89
CA LEU B 200 10.46 -11.06 -20.81
C LEU B 200 11.08 -10.76 -22.16
N SER B 201 10.25 -10.81 -23.19
CA SER B 201 10.62 -10.60 -24.57
C SER B 201 11.59 -9.47 -24.85
N LYS B 202 11.38 -8.32 -24.21
CA LYS B 202 12.26 -7.15 -24.42
C LYS B 202 13.02 -6.78 -23.15
N HIS B 203 13.15 -7.72 -22.23
CA HIS B 203 13.83 -7.42 -20.97
C HIS B 203 15.12 -8.24 -20.80
N ASN B 204 16.26 -7.62 -21.12
CA ASN B 204 17.58 -8.21 -20.91
C ASN B 204 18.35 -7.25 -20.05
N PRO B 205 18.11 -7.33 -18.73
CA PRO B 205 18.76 -6.43 -17.81
C PRO B 205 20.18 -6.83 -17.55
N LYS B 206 20.98 -5.88 -17.04
CA LYS B 206 22.34 -6.16 -16.64
CA LYS B 206 22.34 -6.15 -16.61
C LYS B 206 22.31 -7.40 -15.76
N PRO B 207 23.26 -8.33 -15.98
CA PRO B 207 23.19 -9.46 -15.08
C PRO B 207 23.67 -9.03 -13.70
N SER B 208 22.96 -9.48 -12.68
CA SER B 208 23.30 -9.19 -11.30
C SER B 208 23.43 -10.50 -10.55
N ILE B 209 24.44 -10.58 -9.69
CA ILE B 209 24.64 -11.76 -8.87
C ILE B 209 23.59 -11.73 -7.78
N LEU B 210 22.71 -12.73 -7.79
CA LEU B 210 21.63 -12.81 -6.85
C LEU B 210 21.91 -13.73 -5.69
N HIS B 211 21.31 -13.40 -4.54
CA HIS B 211 21.32 -14.31 -3.43
C HIS B 211 20.54 -15.55 -3.90
N GLY B 212 19.37 -15.32 -4.48
CA GLY B 212 18.55 -16.41 -5.03
C GLY B 212 17.58 -17.08 -4.09
N ASN B 213 17.63 -16.75 -2.81
CA ASN B 213 16.71 -17.36 -1.86
C ASN B 213 16.43 -16.32 -0.77
N LEU B 214 16.25 -15.08 -1.21
CA LEU B 214 16.13 -13.92 -0.32
C LEU B 214 14.74 -13.65 0.24
N TRP B 215 14.47 -14.17 1.43
CA TRP B 215 13.24 -13.88 2.11
C TRP B 215 13.49 -13.97 3.62
N ILE B 216 12.50 -13.52 4.38
CA ILE B 216 12.66 -13.36 5.81
C ILE B 216 13.17 -14.60 6.57
N GLU B 217 12.74 -15.82 6.21
CA GLU B 217 13.16 -17.03 6.94
C GLU B 217 14.66 -17.32 6.89
N ASN B 218 15.36 -16.82 5.86
CA ASN B 218 16.81 -16.97 5.75
C ASN B 218 17.58 -15.78 6.26
N CYS B 219 16.95 -14.87 6.99
CA CYS B 219 17.64 -13.70 7.55
C CYS B 219 17.83 -13.92 9.04
N ILE B 220 18.96 -13.48 9.58
CA ILE B 220 19.23 -13.67 11.02
C ILE B 220 19.81 -12.40 11.60
N GLN B 221 19.15 -11.89 12.64
CA GLN B 221 19.62 -10.70 13.30
C GLN B 221 20.77 -11.13 14.21
N VAL B 222 21.95 -10.57 14.00
CA VAL B 222 23.10 -10.87 14.86
C VAL B 222 23.63 -9.55 15.39
N ASP B 223 23.29 -9.25 16.64
CA ASP B 223 23.60 -7.97 17.26
C ASP B 223 23.00 -6.85 16.39
N ASP B 224 23.83 -6.03 15.74
CA ASP B 224 23.38 -4.87 14.96
C ASP B 224 23.18 -5.10 13.44
N LYS B 225 23.64 -6.23 12.91
CA LYS B 225 23.56 -6.52 11.47
C LYS B 225 22.66 -7.69 11.18
N ILE B 226 22.20 -7.74 9.95
CA ILE B 226 21.42 -8.85 9.43
C ILE B 226 22.39 -9.74 8.62
N PHE B 227 22.32 -11.04 8.85
CA PHE B 227 23.07 -12.05 8.08
C PHE B 227 22.05 -12.81 7.27
N VAL B 228 22.46 -13.34 6.12
CA VAL B 228 21.55 -14.13 5.28
C VAL B 228 22.19 -15.49 4.95
N CYS B 229 21.38 -16.53 5.01
CA CYS B 229 21.79 -17.92 4.83
C CYS B 229 21.13 -18.56 3.60
N ASN B 230 21.43 -19.85 3.43
CA ASN B 230 20.83 -20.71 2.45
C ASN B 230 20.72 -20.15 1.02
N PRO B 231 21.86 -19.72 0.44
CA PRO B 231 21.87 -19.18 -0.92
C PRO B 231 21.51 -20.18 -2.03
N ALA B 232 21.13 -19.61 -3.17
CA ALA B 232 20.75 -20.33 -4.39
C ALA B 232 21.15 -19.40 -5.54
N CYS B 233 22.42 -18.99 -5.51
CA CYS B 233 22.95 -18.02 -6.43
C CYS B 233 22.91 -18.33 -7.92
N TYR B 234 22.92 -17.24 -8.67
CA TYR B 234 23.10 -17.20 -10.11
C TYR B 234 23.08 -15.75 -10.54
N TRP B 235 23.62 -15.50 -11.74
CA TRP B 235 23.58 -14.18 -12.34
C TRP B 235 22.27 -14.11 -13.13
N GLY B 236 21.39 -13.19 -12.73
CA GLY B 236 20.07 -13.01 -13.36
C GLY B 236 19.59 -11.57 -13.15
N ASP B 237 18.27 -11.39 -13.15
CA ASP B 237 17.60 -10.10 -12.92
C ASP B 237 17.53 -9.85 -11.40
N ARG B 238 18.14 -8.76 -10.95
CA ARG B 238 18.05 -8.38 -9.54
C ARG B 238 16.63 -8.43 -9.00
N GLU B 239 15.65 -8.12 -9.85
CA GLU B 239 14.23 -8.12 -9.45
C GLU B 239 13.74 -9.46 -8.89
N CYS B 240 14.40 -10.57 -9.24
CA CYS B 240 14.06 -11.87 -8.68
C CYS B 240 14.19 -11.88 -7.14
N ASP B 241 15.29 -11.32 -6.65
CA ASP B 241 15.55 -11.20 -5.22
C ASP B 241 14.47 -10.34 -4.51
N ILE B 242 14.24 -9.13 -5.03
CA ILE B 242 13.23 -8.22 -4.45
C ILE B 242 11.83 -8.86 -4.48
N ALA B 243 11.49 -9.51 -5.60
CA ALA B 243 10.17 -10.14 -5.77
C ALA B 243 9.92 -11.22 -4.75
N PHE B 244 10.91 -12.07 -4.52
CA PHE B 244 10.76 -13.16 -3.54
C PHE B 244 10.64 -12.63 -2.13
N SER B 245 11.42 -11.60 -1.80
CA SER B 245 11.42 -11.02 -0.44
C SER B 245 10.09 -10.42 0.00
N SER B 246 9.21 -10.11 -0.96
CA SER B 246 7.88 -9.58 -0.64
C SER B 246 6.76 -10.60 -0.93
N LEU B 247 7.11 -11.84 -1.29
CA LEU B 247 6.09 -12.84 -1.61
C LEU B 247 5.24 -13.26 -0.42
N PHE B 248 5.87 -13.58 0.71
CA PHE B 248 5.11 -13.96 1.92
C PHE B 248 5.19 -12.83 2.97
N GLU B 249 5.67 -13.10 4.17
CA GLU B 249 5.85 -12.02 5.15
C GLU B 249 7.02 -11.19 4.61
N PRO B 250 6.77 -9.93 4.23
CA PRO B 250 7.82 -9.16 3.58
C PRO B 250 8.78 -8.42 4.47
N PHE B 251 9.93 -8.06 3.91
CA PHE B 251 10.89 -7.21 4.59
C PHE B 251 10.15 -5.93 4.95
N PRO B 252 10.58 -5.23 5.98
CA PRO B 252 9.86 -4.01 6.31
C PRO B 252 9.98 -2.93 5.23
N THR B 253 9.10 -1.95 5.35
CA THR B 253 9.01 -0.83 4.43
C THR B 253 10.31 -0.08 4.18
N ASN B 254 11.07 0.18 5.24
CA ASN B 254 12.33 0.87 5.07
C ASN B 254 13.33 0.13 4.17
N PHE B 255 13.20 -1.19 3.99
CA PHE B 255 14.10 -1.90 3.08
C PHE B 255 13.83 -1.46 1.65
N TYR B 256 12.58 -1.65 1.20
CA TYR B 256 12.19 -1.33 -0.18
C TYR B 256 12.40 0.14 -0.49
N GLN B 257 12.07 0.97 0.48
CA GLN B 257 12.29 2.41 0.39
C GLN B 257 13.73 2.73 0.07
N ARG B 258 14.64 2.23 0.89
CA ARG B 258 16.08 2.52 0.71
C ARG B 258 16.67 1.88 -0.56
N TYR B 259 16.30 0.64 -0.85
CA TYR B 259 16.85 -0.04 -2.01
C TYR B 259 16.50 0.73 -3.28
N ASN B 260 15.25 1.16 -3.38
CA ASN B 260 14.75 1.90 -4.53
C ASN B 260 15.42 3.28 -4.67
N GLU B 261 15.75 3.84 -3.54
CA GLU B 261 16.44 5.09 -3.48
C GLU B 261 17.86 4.93 -4.05
N ILE B 262 18.50 3.78 -3.87
CA ILE B 262 19.89 3.59 -4.31
C ILE B 262 19.96 3.05 -5.72
N TYR B 263 19.13 2.06 -6.01
CA TYR B 263 19.10 1.41 -7.30
C TYR B 263 17.63 1.31 -7.78
N PRO B 264 17.11 2.42 -8.33
CA PRO B 264 15.70 2.48 -8.70
C PRO B 264 15.20 1.32 -9.58
N LEU B 265 14.08 0.70 -9.18
CA LEU B 265 13.47 -0.37 -9.95
C LEU B 265 12.97 0.15 -11.31
N GLU B 266 13.23 -0.59 -12.38
CA GLU B 266 12.86 -0.19 -13.75
C GLU B 266 11.39 -0.37 -14.10
N GLU B 267 11.00 0.29 -15.19
CA GLU B 267 9.66 0.24 -15.72
C GLU B 267 9.34 -1.22 -16.02
N GLY B 268 8.19 -1.71 -15.54
CA GLY B 268 7.76 -3.08 -15.76
C GLY B 268 7.92 -4.05 -14.59
N TYR B 269 8.45 -3.57 -13.45
CA TYR B 269 8.64 -4.44 -12.27
C TYR B 269 7.38 -5.17 -11.79
N LEU B 270 6.25 -4.50 -11.63
CA LEU B 270 5.05 -5.21 -11.11
C LEU B 270 4.58 -6.38 -11.95
N GLU B 271 4.65 -6.24 -13.26
CA GLU B 271 4.23 -7.32 -14.15
C GLU B 271 5.24 -8.47 -14.02
N ARG B 272 6.52 -8.13 -14.03
CA ARG B 272 7.58 -9.14 -13.89
C ARG B 272 7.60 -9.80 -12.52
N LYS B 273 7.24 -9.05 -11.49
CA LYS B 273 7.19 -9.57 -10.13
C LYS B 273 6.34 -10.84 -10.09
N LEU B 274 5.23 -10.90 -10.83
CA LEU B 274 4.35 -12.08 -10.79
C LEU B 274 4.92 -13.36 -11.39
N ILE B 275 5.67 -13.27 -12.50
CA ILE B 275 6.32 -14.47 -13.09
C ILE B 275 7.52 -14.88 -12.22
N TYR B 276 8.21 -13.91 -11.63
CA TYR B 276 9.34 -14.20 -10.75
C TYR B 276 8.88 -14.91 -9.48
N GLN B 277 7.76 -14.47 -8.91
CA GLN B 277 7.18 -15.12 -7.73
C GLN B 277 6.64 -16.49 -8.05
N LEU B 278 6.18 -16.70 -9.28
CA LEU B 278 5.61 -18.00 -9.68
C LEU B 278 6.64 -19.13 -9.52
N TYR B 279 7.90 -18.82 -9.81
CA TYR B 279 9.00 -19.77 -9.66
C TYR B 279 9.11 -20.31 -8.24
N TYR B 280 9.14 -19.38 -7.27
CA TYR B 280 9.24 -19.75 -5.87
C TYR B 280 8.00 -20.52 -5.40
N LEU B 281 6.81 -20.15 -5.85
CA LEU B 281 5.59 -20.89 -5.47
C LEU B 281 5.57 -22.31 -6.06
N LEU B 282 6.01 -22.45 -7.31
CA LEU B 282 6.11 -23.78 -7.89
C LEU B 282 7.06 -24.63 -6.99
N ASN B 283 8.21 -24.06 -6.66
CA ASN B 283 9.22 -24.68 -5.83
C ASN B 283 8.69 -25.04 -4.43
N PHE B 284 7.93 -24.14 -3.81
CA PHE B 284 7.34 -24.39 -2.50
C PHE B 284 6.27 -25.47 -2.61
N SER B 285 5.50 -25.45 -3.69
CA SER B 285 4.44 -26.46 -3.86
C SER B 285 5.04 -27.85 -3.90
N TYR B 286 6.17 -27.96 -4.58
CA TYR B 286 6.89 -29.21 -4.69
C TYR B 286 7.51 -29.67 -3.36
N ARG B 287 8.32 -28.79 -2.78
CA ARG B 287 9.04 -29.07 -1.54
C ARG B 287 8.21 -29.45 -0.36
N TYR B 288 7.13 -28.71 -0.13
CA TYR B 288 6.29 -28.90 1.03
C TYR B 288 4.99 -29.60 0.78
N TYR B 289 4.90 -30.38 -0.30
CA TYR B 289 3.67 -31.09 -0.64
C TYR B 289 3.17 -31.99 0.50
N ASN B 290 4.08 -32.48 1.34
CA ASN B 290 3.71 -33.34 2.48
C ASN B 290 3.27 -32.60 3.74
N LYS B 291 3.38 -31.27 3.74
CA LYS B 291 2.91 -30.42 4.85
C LYS B 291 1.58 -29.80 4.40
N LYS B 292 0.72 -29.44 5.35
CA LYS B 292 -0.58 -28.83 5.02
C LYS B 292 -0.30 -27.35 4.81
N GLN B 293 -0.61 -26.84 3.61
CA GLN B 293 -0.36 -25.43 3.29
C GLN B 293 -1.21 -24.93 2.13
N SER B 294 -1.07 -23.65 1.82
CA SER B 294 -1.88 -23.00 0.82
C SER B 294 -1.11 -22.72 -0.49
N TYR B 295 0.07 -23.31 -0.68
CA TYR B 295 0.89 -23.00 -1.84
C TYR B 295 0.33 -23.42 -3.21
N VAL B 296 -0.40 -24.53 -3.28
CA VAL B 296 -0.96 -24.96 -4.55
C VAL B 296 -2.06 -24.00 -5.01
N SER B 297 -2.99 -23.67 -4.12
CA SER B 297 -4.03 -22.71 -4.44
C SER B 297 -3.43 -21.41 -4.91
N LEU B 298 -2.49 -20.85 -4.15
CA LEU B 298 -1.81 -19.62 -4.54
C LEU B 298 -1.14 -19.74 -5.92
N THR B 299 -0.57 -20.91 -6.22
CA THR B 299 0.11 -21.14 -7.49
C THR B 299 -0.93 -21.15 -8.61
N GLN B 300 -2.00 -21.91 -8.42
CA GLN B 300 -3.04 -22.03 -9.42
C GLN B 300 -3.69 -20.67 -9.69
N LYS B 301 -4.02 -19.92 -8.63
CA LYS B 301 -4.60 -18.58 -8.81
C LYS B 301 -3.63 -17.75 -9.68
N LEU B 302 -2.36 -17.68 -9.28
CA LEU B 302 -1.37 -16.91 -10.03
C LEU B 302 -1.21 -17.39 -11.50
N ILE B 303 -1.33 -18.70 -11.72
CA ILE B 303 -1.25 -19.26 -13.06
C ILE B 303 -2.46 -18.86 -13.88
N ASN B 304 -3.65 -18.99 -13.31
CA ASN B 304 -4.87 -18.58 -13.98
C ASN B 304 -4.83 -17.11 -14.38
N GLN B 305 -4.30 -16.25 -13.51
CA GLN B 305 -4.21 -14.82 -13.83
C GLN B 305 -3.39 -14.57 -15.10
N ILE B 306 -2.11 -14.92 -15.01
CA ILE B 306 -1.15 -14.75 -16.11
C ILE B 306 -1.62 -15.37 -17.45
N LEU B 307 -2.35 -16.48 -17.36
CA LEU B 307 -2.85 -17.23 -18.51
C LEU B 307 -4.32 -16.86 -18.85
N HIS B 308 -5.29 -17.37 -18.08
CA HIS B 308 -6.73 -17.15 -18.34
C HIS B 308 -7.24 -15.81 -17.82
O1 UNL C . -11.69 18.98 -4.14
O2 UNL C . -11.33 17.89 -4.77
O3 UNL C . -12.27 16.63 -6.23
O4 UNL C . -11.96 14.73 -3.63
O5 UNL C . -12.11 13.26 -5.98
O6 UNL C . -11.26 13.41 -8.43
O7 UNL C . -12.21 16.57 -8.20
O8 UNL C . -11.28 11.38 -6.36
O9 UNL C . -11.16 11.30 -8.35
O10 UNL C . -9.65 12.61 -10.35
C1 EDO D . -22.42 10.26 16.05
O1 EDO D . -23.75 9.71 15.95
C2 EDO D . -21.98 10.91 14.72
O2 EDO D . -20.74 11.64 14.82
C1 EDO E . -22.75 2.67 -1.66
O1 EDO E . -22.82 1.40 -2.32
C2 EDO E . -21.68 2.60 -0.57
O2 EDO E . -20.63 3.53 -0.87
O1 UNL F . 22.37 -20.60 13.23
O2 UNL F . 20.64 -21.37 8.89
O3 UNL F . 18.75 -21.34 10.79
O4 UNL F . 21.21 -20.96 11.72
O5 UNL F . 23.91 -20.30 11.87
O6 UNL F . 25.11 -20.36 10.53
O7 UNL F . 24.01 -21.09 9.58
O8 UNL F . 22.40 -22.11 6.91
O9 UNL F . 19.16 -23.36 7.87
O10 UNL F . 17.62 -24.14 6.45
C1 EDO G . 12.93 -21.65 1.15
O1 EDO G . 13.97 -21.52 0.15
C2 EDO G . 13.41 -21.97 2.58
O2 EDO G . 14.43 -21.06 3.02
#